data_6FX6
#
_entry.id   6FX6
#
_cell.length_a   44.029
_cell.length_b   73.612
_cell.length_c   74.651
_cell.angle_alpha   90.000
_cell.angle_beta   90.000
_cell.angle_gamma   90.000
#
_symmetry.space_group_name_H-M   'P 21 21 21'
#
loop_
_entity.id
_entity.type
_entity.pdbx_description
1 polymer SaTIE-TED
2 non-polymer 'ZINC ION'
3 non-polymer 'ACETATE ION'
4 water water
#
_entity_poly.entity_id   1
_entity_poly.type   'polypeptide(L)'
_entity_poly.pdbx_seq_one_letter_code
;GA(MSE)AQQKLDVKWIDKGINWIVYSAKDRENFT(MSE)DRWAKFYVNGEIAFCIEPNKEAAIGAVHTGANLDTLFKDQ
ALRNKLT(MSE)ISHFGYIANKDQSDEQYIATQ(MSE)LIWELLGAKYHTIYNGLNYEARKADILKSVKEAEQRASFHKQ
KKPIKVGEKGVFVDTNNTLSNVKGIRTPSGVNAKIEGNKLIVTADKNAPDNATIHLDRITIVGTPLVYTSGNAQKVGVLK
PFDPLDSWLTLQVIKNGNVKIIKEDTETG
;
_entity_poly.pdbx_strand_id   A
#
loop_
_chem_comp.id
_chem_comp.type
_chem_comp.name
_chem_comp.formula
ACT non-polymer 'ACETATE ION' 'C2 H3 O2 -1'
ZN non-polymer 'ZINC ION' 'Zn 2'
#
# COMPACT_ATOMS: atom_id res chain seq x y z
N ALA A 4 -4.41 10.14 18.65
CA ALA A 4 -4.65 8.96 19.52
C ALA A 4 -6.14 8.54 19.53
N GLN A 5 -7.00 9.47 19.98
CA GLN A 5 -8.45 9.26 19.99
C GLN A 5 -9.04 9.86 18.72
N GLN A 6 -9.71 9.05 17.91
CA GLN A 6 -10.28 9.49 16.63
C GLN A 6 -11.71 9.00 16.42
N LYS A 7 -12.55 9.88 15.87
CA LYS A 7 -13.93 9.56 15.55
C LYS A 7 -13.99 8.82 14.22
N LEU A 8 -14.79 7.76 14.15
CA LEU A 8 -15.00 7.04 12.89
C LEU A 8 -16.08 7.76 12.08
N ASP A 9 -15.70 8.25 10.90
CA ASP A 9 -16.62 8.87 9.96
C ASP A 9 -16.91 7.90 8.82
N VAL A 10 -17.95 8.20 8.06
CA VAL A 10 -18.41 7.32 6.99
C VAL A 10 -19.01 8.13 5.85
N LYS A 11 -18.93 7.58 4.65
CA LYS A 11 -19.78 7.99 3.53
C LYS A 11 -20.47 6.74 3.02
N TRP A 12 -21.79 6.79 2.95
CA TRP A 12 -22.59 5.61 2.59
C TRP A 12 -22.66 5.47 1.08
N ILE A 13 -22.46 4.23 0.62
CA ILE A 13 -22.63 3.85 -0.77
C ILE A 13 -23.90 3.01 -0.82
N ASP A 14 -24.96 3.58 -1.37
CA ASP A 14 -26.25 2.91 -1.43
C ASP A 14 -26.88 3.19 -2.78
N LYS A 15 -27.04 2.12 -3.59
CA LYS A 15 -27.66 2.23 -4.90
C LYS A 15 -28.87 1.29 -5.02
N GLY A 16 -29.46 0.91 -3.88
CA GLY A 16 -30.57 -0.04 -3.85
C GLY A 16 -30.22 -1.42 -4.38
N ILE A 17 -28.94 -1.77 -4.31
CA ILE A 17 -28.39 -3.00 -4.90
C ILE A 17 -27.88 -3.85 -3.75
N ASN A 18 -28.18 -5.15 -3.79
CA ASN A 18 -27.48 -6.13 -2.96
C ASN A 18 -26.08 -6.27 -3.54
N TRP A 19 -25.08 -5.76 -2.82
CA TRP A 19 -23.70 -5.77 -3.30
C TRP A 19 -23.11 -7.18 -3.28
N ILE A 20 -23.26 -7.86 -2.14
CA ILE A 20 -22.84 -9.25 -1.97
C ILE A 20 -23.73 -10.01 -1.00
N VAL A 21 -23.74 -11.32 -1.14
CA VAL A 21 -24.20 -12.23 -0.10
C VAL A 21 -22.96 -13.01 0.32
N TYR A 22 -22.54 -12.84 1.58
CA TYR A 22 -21.30 -13.44 2.06
C TYR A 22 -21.39 -14.04 3.44
N SER A 23 -20.40 -14.88 3.75
CA SER A 23 -20.23 -15.48 5.06
C SER A 23 -18.81 -15.21 5.57
N ALA A 24 -18.69 -15.00 6.88
CA ALA A 24 -17.42 -14.75 7.53
C ALA A 24 -17.58 -15.00 9.02
N LYS A 25 -16.93 -16.05 9.53
CA LYS A 25 -17.08 -16.49 10.94
C LYS A 25 -18.55 -16.84 11.24
N ASP A 26 -19.08 -16.43 12.40
CA ASP A 26 -20.50 -16.61 12.76
C ASP A 26 -21.49 -15.96 11.78
N ARG A 27 -21.12 -14.80 11.21
CA ARG A 27 -21.95 -14.14 10.20
C ARG A 27 -22.07 -15.03 8.96
N GLU A 28 -23.26 -15.59 8.74
CA GLU A 28 -23.55 -16.49 7.62
C GLU A 28 -24.61 -15.87 6.71
N ASN A 29 -24.38 -15.96 5.40
CA ASN A 29 -25.35 -15.53 4.37
C ASN A 29 -25.96 -14.16 4.66
N PHE A 30 -25.07 -13.19 4.89
CA PHE A 30 -25.42 -11.81 5.23
C PHE A 30 -25.51 -11.02 3.92
N THR A 31 -26.62 -10.30 3.74
CA THR A 31 -26.85 -9.50 2.55
C THR A 31 -26.42 -8.05 2.82
N MSE A 32 -25.45 -7.56 2.04
CA MSE A 32 -25.00 -6.18 2.17
C MSE A 32 -25.62 -5.38 1.06
O MSE A 32 -25.16 -5.44 -0.09
CB MSE A 32 -23.48 -6.11 2.18
CG MSE A 32 -23.03 -5.44 3.47
SE MSE A 32 -21.08 -5.38 3.48
CE MSE A 32 -20.81 -3.49 3.99
N ASP A 33 -26.68 -4.64 1.40
CA ASP A 33 -27.38 -3.77 0.43
C ASP A 33 -26.97 -2.28 0.54
N ARG A 34 -25.90 -2.02 1.28
CA ARG A 34 -25.20 -0.74 1.26
C ARG A 34 -23.77 -0.97 1.71
N TRP A 35 -22.93 0.04 1.58
CA TRP A 35 -21.51 -0.10 1.91
C TRP A 35 -20.98 1.14 2.61
N ALA A 36 -20.29 0.90 3.72
CA ALA A 36 -19.67 1.96 4.50
C ALA A 36 -18.28 2.22 3.93
N LYS A 37 -18.06 3.43 3.43
CA LYS A 37 -16.73 3.89 3.07
C LYS A 37 -16.19 4.65 4.27
N PHE A 38 -15.28 4.02 5.00
CA PHE A 38 -14.79 4.55 6.28
C PHE A 38 -13.72 5.61 6.10
N TYR A 39 -13.80 6.66 6.91
CA TYR A 39 -12.75 7.67 7.03
C TYR A 39 -12.37 7.80 8.50
N VAL A 40 -11.08 7.97 8.77
CA VAL A 40 -10.60 8.30 10.12
C VAL A 40 -9.63 9.46 9.98
N ASN A 41 -10.01 10.60 10.56
CA ASN A 41 -9.24 11.85 10.52
C ASN A 41 -8.81 12.24 9.08
N GLY A 42 -9.76 12.13 8.16
CA GLY A 42 -9.52 12.43 6.75
C GLY A 42 -9.01 11.27 5.90
N GLU A 43 -8.50 10.21 6.51
CA GLU A 43 -7.80 9.15 5.77
C GLU A 43 -8.71 7.95 5.52
N ILE A 44 -8.55 7.33 4.37
CA ILE A 44 -9.37 6.20 3.97
C ILE A 44 -9.05 4.99 4.84
N ALA A 45 -10.09 4.38 5.40
CA ALA A 45 -9.95 3.21 6.27
C ALA A 45 -10.78 2.04 5.72
N PHE A 46 -10.45 0.84 6.19
CA PHE A 46 -11.15 -0.38 5.82
C PHE A 46 -11.51 -1.17 7.06
N CYS A 47 -12.65 -1.86 7.02
CA CYS A 47 -13.01 -2.81 8.06
C CYS A 47 -12.08 -4.01 7.94
N ILE A 48 -11.59 -4.48 9.09
CA ILE A 48 -10.68 -5.64 9.16
C ILE A 48 -11.18 -6.73 10.11
N GLU A 49 -12.49 -6.77 10.31
CA GLU A 49 -13.19 -7.89 10.94
C GLU A 49 -14.53 -8.05 10.19
N PRO A 50 -14.55 -8.87 9.13
CA PRO A 50 -15.74 -8.94 8.25
C PRO A 50 -17.05 -9.45 8.90
N ASN A 51 -16.95 -10.07 10.09
CA ASN A 51 -18.12 -10.56 10.83
C ASN A 51 -18.75 -9.56 11.83
N LYS A 52 -18.36 -8.29 11.81
CA LYS A 52 -18.83 -7.31 12.80
C LYS A 52 -19.27 -5.99 12.17
N GLU A 53 -20.21 -5.34 12.85
CA GLU A 53 -20.65 -3.98 12.51
C GLU A 53 -19.72 -2.94 13.14
N ALA A 54 -19.40 -1.90 12.38
CA ALA A 54 -18.58 -0.79 12.88
C ALA A 54 -19.43 0.19 13.71
N ALA A 55 -18.79 0.87 14.67
CA ALA A 55 -19.44 1.87 15.53
C ALA A 55 -19.26 3.27 14.94
N ILE A 56 -20.07 3.58 13.93
CA ILE A 56 -20.03 4.88 13.25
C ILE A 56 -20.30 6.01 14.22
N GLY A 57 -19.50 7.07 14.13
CA GLY A 57 -19.66 8.26 14.97
C GLY A 57 -19.04 8.17 16.35
N ALA A 58 -18.48 7.01 16.71
CA ALA A 58 -17.93 6.78 18.05
C ALA A 58 -16.44 7.03 18.06
N VAL A 59 -15.94 7.40 19.23
CA VAL A 59 -14.51 7.63 19.46
C VAL A 59 -13.80 6.28 19.56
N HIS A 60 -12.81 6.07 18.69
CA HIS A 60 -11.98 4.86 18.70
C HIS A 60 -10.60 5.19 19.23
N THR A 61 -9.88 4.18 19.68
CA THR A 61 -8.51 4.34 20.15
C THR A 61 -7.57 3.71 19.11
N GLY A 62 -6.62 4.51 18.63
CA GLY A 62 -5.63 4.06 17.65
C GLY A 62 -4.46 3.34 18.30
N ALA A 63 -4.20 2.12 17.85
CA ALA A 63 -3.01 1.36 18.24
C ALA A 63 -2.36 0.81 16.98
N ASN A 64 -1.09 0.40 17.06
CA ASN A 64 -0.38 -0.12 15.89
CA ASN A 64 -0.38 -0.13 15.91
C ASN A 64 -1.04 -1.42 15.40
N LEU A 65 -1.04 -1.61 14.08
CA LEU A 65 -1.67 -2.78 13.45
C LEU A 65 -1.23 -4.14 13.99
N ASP A 66 0.01 -4.25 14.43
CA ASP A 66 0.54 -5.51 14.98
C ASP A 66 -0.15 -6.04 16.26
N THR A 67 -0.90 -5.19 16.97
CA THR A 67 -1.72 -5.63 18.11
C THR A 67 -2.83 -6.61 17.69
N LEU A 68 -3.33 -6.46 16.47
CA LEU A 68 -4.37 -7.33 15.93
C LEU A 68 -3.78 -8.53 15.17
N PHE A 69 -2.80 -8.28 14.30
CA PHE A 69 -2.19 -9.32 13.47
C PHE A 69 -0.70 -9.48 13.74
N LYS A 70 -0.31 -10.65 14.23
CA LYS A 70 1.09 -10.97 14.47
C LYS A 70 1.88 -11.16 13.17
N ASP A 71 1.28 -11.88 12.21
CA ASP A 71 1.95 -12.25 10.95
C ASP A 71 2.28 -11.03 10.09
N GLN A 72 3.56 -10.78 9.89
CA GLN A 72 4.04 -9.59 9.16
C GLN A 72 3.72 -9.63 7.67
N ALA A 73 3.79 -10.81 7.06
CA ALA A 73 3.43 -10.98 5.64
C ALA A 73 1.97 -10.59 5.38
N LEU A 74 1.08 -10.94 6.31
CA LEU A 74 -0.31 -10.51 6.26
C LEU A 74 -0.44 -9.00 6.42
N ARG A 75 0.21 -8.45 7.46
CA ARG A 75 0.22 -6.99 7.68
C ARG A 75 0.71 -6.23 6.46
N ASN A 76 1.81 -6.73 5.87
CA ASN A 76 2.34 -6.19 4.61
C ASN A 76 1.30 -6.25 3.51
N LYS A 77 0.73 -7.45 3.29
CA LYS A 77 -0.24 -7.63 2.20
C LYS A 77 -1.48 -6.73 2.37
N LEU A 78 -1.99 -6.62 3.59
CA LEU A 78 -3.14 -5.74 3.85
C LEU A 78 -2.86 -4.27 3.50
N THR A 79 -1.65 -3.79 3.78
CA THR A 79 -1.27 -2.42 3.43
C THR A 79 -1.04 -2.26 1.92
N MSE A 80 -0.51 -3.31 1.28
CA MSE A 80 -0.34 -3.34 -0.18
C MSE A 80 -1.66 -3.27 -0.89
O MSE A 80 -1.81 -2.54 -1.88
CB MSE A 80 0.31 -4.63 -0.69
CG MSE A 80 1.71 -4.94 -0.17
SE MSE A 80 2.94 -3.54 -0.77
CE MSE A 80 2.90 -2.37 0.82
N ILE A 81 -2.64 -4.03 -0.42
CA ILE A 81 -3.97 -4.03 -1.01
C ILE A 81 -4.65 -2.67 -0.81
N SER A 82 -4.55 -2.13 0.39
CA SER A 82 -5.11 -0.81 0.67
C SER A 82 -4.45 0.24 -0.24
N HIS A 83 -3.11 0.23 -0.29
CA HIS A 83 -2.37 1.24 -1.03
C HIS A 83 -2.63 1.20 -2.54
N PHE A 84 -2.30 0.06 -3.17
CA PHE A 84 -2.43 -0.08 -4.61
C PHE A 84 -3.87 -0.24 -5.08
N GLY A 85 -4.72 -0.82 -4.23
CA GLY A 85 -6.12 -1.04 -4.55
C GLY A 85 -6.94 0.23 -4.58
N TYR A 86 -6.73 1.12 -3.62
CA TYR A 86 -7.56 2.31 -3.56
C TYR A 86 -6.79 3.62 -3.40
N ILE A 87 -5.97 3.74 -2.36
CA ILE A 87 -5.43 5.05 -1.96
C ILE A 87 -4.51 5.67 -3.02
N ALA A 88 -3.64 4.85 -3.61
CA ALA A 88 -2.79 5.30 -4.73
C ALA A 88 -3.33 4.88 -6.10
N ASN A 89 -4.57 4.42 -6.17
CA ASN A 89 -5.17 3.96 -7.42
C ASN A 89 -5.77 5.14 -8.21
N LYS A 90 -5.66 5.06 -9.52
CA LYS A 90 -6.22 6.08 -10.43
C LYS A 90 -7.75 6.15 -10.36
N ASP A 91 -8.37 4.97 -10.19
CA ASP A 91 -9.82 4.83 -10.03
C ASP A 91 -10.20 4.98 -8.55
N GLN A 92 -10.89 6.07 -8.22
CA GLN A 92 -11.41 6.32 -6.87
C GLN A 92 -12.90 6.00 -6.72
N SER A 93 -13.46 5.21 -7.65
CA SER A 93 -14.89 4.92 -7.65
C SER A 93 -15.29 4.11 -6.42
N ASP A 94 -16.56 4.24 -6.06
CA ASP A 94 -17.18 3.41 -5.03
C ASP A 94 -16.94 1.92 -5.29
N GLU A 95 -16.98 1.53 -6.57
CA GLU A 95 -16.73 0.14 -6.96
C GLU A 95 -15.29 -0.30 -6.63
N GLN A 96 -14.29 0.56 -6.87
CA GLN A 96 -12.90 0.25 -6.49
C GLN A 96 -12.72 0.11 -4.99
N TYR A 97 -13.28 1.06 -4.23
CA TYR A 97 -13.24 0.98 -2.77
C TYR A 97 -13.83 -0.33 -2.27
N ILE A 98 -15.00 -0.69 -2.79
CA ILE A 98 -15.69 -1.92 -2.42
C ILE A 98 -14.83 -3.15 -2.77
N ALA A 99 -14.30 -3.15 -4.00
CA ALA A 99 -13.44 -4.26 -4.45
C ALA A 99 -12.22 -4.41 -3.55
N THR A 100 -11.61 -3.29 -3.18
CA THR A 100 -10.45 -3.30 -2.29
C THR A 100 -10.83 -3.85 -0.91
N GLN A 101 -11.94 -3.36 -0.34
CA GLN A 101 -12.46 -3.87 0.93
C GLN A 101 -12.74 -5.37 0.83
N MSE A 102 -13.33 -5.79 -0.27
CA MSE A 102 -13.66 -7.21 -0.49
C MSE A 102 -12.44 -8.09 -0.60
O MSE A 102 -12.47 -9.23 -0.14
CB MSE A 102 -14.54 -7.41 -1.73
CG MSE A 102 -16.02 -7.21 -1.38
SE MSE A 102 -17.04 -7.05 -3.05
CE MSE A 102 -16.89 -8.92 -3.67
N LEU A 103 -11.37 -7.58 -1.22
CA LEU A 103 -10.11 -8.32 -1.33
C LEU A 103 -9.39 -8.43 0.02
N ILE A 104 -9.38 -7.33 0.78
CA ILE A 104 -8.90 -7.33 2.17
C ILE A 104 -9.65 -8.39 2.97
N TRP A 105 -10.97 -8.42 2.83
CA TRP A 105 -11.79 -9.40 3.54
C TRP A 105 -11.57 -10.84 3.10
N GLU A 106 -11.19 -11.09 1.85
CA GLU A 106 -10.80 -12.44 1.42
C GLU A 106 -9.63 -13.00 2.22
N LEU A 107 -8.67 -12.14 2.56
CA LEU A 107 -7.52 -12.55 3.39
C LEU A 107 -7.86 -12.77 4.86
N LEU A 108 -8.96 -12.20 5.32
CA LEU A 108 -9.43 -12.35 6.70
C LEU A 108 -10.62 -13.30 6.85
N GLY A 109 -10.85 -14.17 5.88
CA GLY A 109 -11.80 -15.29 6.00
C GLY A 109 -13.17 -15.14 5.38
N ALA A 110 -13.43 -14.03 4.70
CA ALA A 110 -14.72 -13.82 4.03
C ALA A 110 -14.84 -14.68 2.77
N LYS A 111 -16.02 -15.25 2.56
CA LYS A 111 -16.33 -16.08 1.40
C LYS A 111 -17.60 -15.53 0.73
N TYR A 112 -17.53 -15.30 -0.58
CA TYR A 112 -18.62 -14.68 -1.33
C TYR A 112 -19.42 -15.70 -2.11
N HIS A 113 -20.73 -15.76 -1.81
CA HIS A 113 -21.65 -16.67 -2.49
C HIS A 113 -22.25 -16.01 -3.73
N THR A 114 -22.57 -14.72 -3.61
CA THR A 114 -23.11 -13.91 -4.71
C THR A 114 -22.36 -12.59 -4.76
N ILE A 115 -22.04 -12.13 -5.98
CA ILE A 115 -21.42 -10.83 -6.19
C ILE A 115 -22.16 -10.08 -7.30
N TYR A 116 -22.56 -8.84 -7.02
CA TYR A 116 -23.19 -7.98 -8.02
C TYR A 116 -22.28 -7.86 -9.23
N ASN A 117 -22.80 -8.17 -10.42
CA ASN A 117 -22.01 -8.17 -11.66
C ASN A 117 -21.43 -6.79 -12.00
N GLY A 118 -22.16 -5.74 -11.63
CA GLY A 118 -21.73 -4.36 -11.86
C GLY A 118 -20.49 -3.90 -11.09
N LEU A 119 -20.04 -4.68 -10.10
CA LEU A 119 -18.72 -4.47 -9.50
C LEU A 119 -17.54 -4.69 -10.43
N ASN A 120 -17.69 -5.61 -11.38
CA ASN A 120 -16.59 -6.05 -12.23
C ASN A 120 -15.47 -6.57 -11.31
N TYR A 121 -15.84 -7.43 -10.37
CA TYR A 121 -14.97 -7.78 -9.23
C TYR A 121 -13.72 -8.53 -9.64
N GLU A 122 -13.88 -9.55 -10.47
CA GLU A 122 -12.75 -10.40 -10.85
C GLU A 122 -11.67 -9.61 -11.59
N ALA A 123 -12.09 -8.70 -12.47
CA ALA A 123 -11.15 -7.83 -13.20
C ALA A 123 -10.49 -6.79 -12.28
N ARG A 124 -11.27 -6.22 -11.35
CA ARG A 124 -10.72 -5.28 -10.37
C ARG A 124 -9.70 -5.96 -9.45
N LYS A 125 -10.07 -7.12 -8.92
CA LYS A 125 -9.19 -7.92 -8.06
C LYS A 125 -7.88 -8.30 -8.76
N ALA A 126 -7.98 -8.77 -10.00
CA ALA A 126 -6.82 -9.20 -10.78
C ALA A 126 -5.78 -8.08 -10.98
N ASP A 127 -6.26 -6.89 -11.32
CA ASP A 127 -5.38 -5.72 -11.49
C ASP A 127 -4.68 -5.32 -10.18
N ILE A 128 -5.35 -5.51 -9.05
CA ILE A 128 -4.76 -5.23 -7.74
C ILE A 128 -3.65 -6.23 -7.40
N LEU A 129 -3.96 -7.52 -7.56
CA LEU A 129 -2.95 -8.57 -7.32
C LEU A 129 -1.71 -8.44 -8.22
N LYS A 130 -1.92 -8.01 -9.47
CA LYS A 130 -0.82 -7.73 -10.42
C LYS A 130 0.06 -6.57 -9.91
N SER A 131 -0.56 -5.52 -9.38
CA SER A 131 0.17 -4.38 -8.83
C SER A 131 0.99 -4.77 -7.58
N VAL A 132 0.38 -5.58 -6.71
CA VAL A 132 1.04 -6.09 -5.50
C VAL A 132 2.20 -7.03 -5.82
N LYS A 133 2.00 -7.93 -6.77
CA LYS A 133 3.05 -8.87 -7.18
C LYS A 133 4.23 -8.14 -7.83
N GLU A 134 3.94 -7.17 -8.69
CA GLU A 134 4.99 -6.36 -9.34
C GLU A 134 5.84 -5.54 -8.36
N ALA A 135 5.23 -5.10 -7.27
CA ALA A 135 5.94 -4.35 -6.21
C ALA A 135 7.01 -5.15 -5.45
N GLU A 136 6.98 -6.48 -5.55
CA GLU A 136 8.06 -7.33 -5.03
C GLU A 136 9.33 -7.29 -5.88
N GLN A 137 9.19 -6.92 -7.16
CA GLN A 137 10.33 -6.94 -8.09
C GLN A 137 11.28 -5.80 -7.78
N ARG A 138 12.58 -6.07 -7.94
CA ARG A 138 13.65 -5.11 -7.66
C ARG A 138 14.53 -4.96 -8.88
N ALA A 139 15.18 -3.80 -8.99
CA ALA A 139 16.14 -3.52 -10.07
C ALA A 139 17.28 -4.54 -10.11
N SER A 140 17.89 -4.70 -11.27
CA SER A 140 18.99 -5.66 -11.45
C SER A 140 20.24 -5.27 -10.65
N PHE A 141 20.39 -3.98 -10.38
CA PHE A 141 21.51 -3.48 -9.54
C PHE A 141 21.18 -3.35 -8.05
N HIS A 142 20.06 -3.92 -7.62
CA HIS A 142 19.61 -3.88 -6.22
C HIS A 142 20.65 -4.48 -5.28
N LYS A 143 20.97 -3.73 -4.22
CA LYS A 143 21.99 -4.08 -3.22
C LYS A 143 23.45 -4.05 -3.68
N GLN A 144 23.73 -3.66 -4.93
CA GLN A 144 25.09 -3.69 -5.46
C GLN A 144 25.87 -2.43 -5.06
N LYS A 145 27.18 -2.57 -5.06
CA LYS A 145 28.12 -1.48 -4.84
C LYS A 145 28.85 -1.24 -6.15
N LYS A 146 28.84 0.02 -6.61
CA LYS A 146 29.45 0.39 -7.89
C LYS A 146 30.42 1.54 -7.65
N PRO A 147 31.66 1.45 -8.22
CA PRO A 147 32.56 2.59 -8.12
C PRO A 147 32.17 3.71 -9.10
N ILE A 148 32.39 4.95 -8.67
CA ILE A 148 32.14 6.12 -9.52
C ILE A 148 33.12 7.23 -9.12
N LYS A 149 33.76 7.85 -10.13
CA LYS A 149 34.68 8.96 -9.88
C LYS A 149 33.92 10.26 -9.74
N VAL A 150 34.38 11.12 -8.84
CA VAL A 150 33.82 12.46 -8.67
C VAL A 150 33.88 13.23 -9.99
N GLY A 151 32.75 13.86 -10.35
CA GLY A 151 32.65 14.62 -11.59
C GLY A 151 32.01 13.83 -12.73
N GLU A 152 32.44 12.57 -12.90
CA GLU A 152 32.06 11.77 -14.06
C GLU A 152 30.63 11.21 -13.94
N LYS A 153 29.77 11.58 -14.88
CA LYS A 153 28.41 11.11 -14.90
C LYS A 153 28.39 9.60 -15.20
N GLY A 154 27.64 8.85 -14.38
CA GLY A 154 27.50 7.41 -14.51
C GLY A 154 26.09 7.01 -14.91
N VAL A 155 25.99 5.94 -15.69
CA VAL A 155 24.72 5.41 -16.17
C VAL A 155 24.64 3.95 -15.75
N PHE A 156 23.52 3.56 -15.14
CA PHE A 156 23.32 2.20 -14.65
C PHE A 156 22.00 1.70 -15.20
N VAL A 157 22.06 0.60 -15.95
CA VAL A 157 20.90 0.04 -16.62
C VAL A 157 20.24 -0.99 -15.72
N ASP A 158 18.93 -0.86 -15.55
CA ASP A 158 18.12 -1.87 -14.87
C ASP A 158 17.63 -2.89 -15.91
N THR A 159 18.29 -4.03 -16.00
CA THR A 159 17.86 -5.11 -16.90
C THR A 159 16.59 -5.85 -16.45
N ASN A 160 16.12 -5.62 -15.22
CA ASN A 160 14.82 -6.15 -14.76
C ASN A 160 13.59 -5.34 -15.20
N ASN A 161 13.79 -4.18 -15.82
CA ASN A 161 12.69 -3.37 -16.40
C ASN A 161 11.68 -2.94 -15.32
N THR A 162 12.18 -2.33 -14.25
CA THR A 162 11.34 -1.90 -13.12
C THR A 162 11.32 -0.40 -12.84
N LEU A 163 12.13 0.39 -13.54
CA LEU A 163 12.30 1.81 -13.16
C LEU A 163 11.09 2.70 -13.42
N SER A 164 10.19 2.29 -14.33
CA SER A 164 8.92 3.01 -14.54
C SER A 164 7.95 3.01 -13.35
N ASN A 165 8.13 2.10 -12.39
CA ASN A 165 7.32 2.05 -11.15
C ASN A 165 7.86 2.96 -10.00
N VAL A 166 9.02 3.61 -10.22
CA VAL A 166 9.65 4.43 -9.19
C VAL A 166 8.91 5.76 -8.99
N LYS A 167 8.48 6.01 -7.77
CA LYS A 167 7.71 7.23 -7.43
C LYS A 167 8.54 8.26 -6.68
N GLY A 168 9.73 7.89 -6.21
CA GLY A 168 10.58 8.83 -5.49
C GLY A 168 12.01 8.34 -5.42
N ILE A 169 12.92 9.29 -5.27
CA ILE A 169 14.36 9.02 -5.24
C ILE A 169 14.95 9.75 -4.04
N ARG A 170 15.65 9.02 -3.16
CA ARG A 170 16.40 9.60 -2.05
C ARG A 170 17.88 9.48 -2.33
N THR A 171 18.59 10.59 -2.14
CA THR A 171 20.02 10.64 -2.33
C THR A 171 20.62 11.47 -1.20
N PRO A 172 21.86 11.12 -0.78
CA PRO A 172 22.53 12.01 0.15
C PRO A 172 22.99 13.28 -0.56
N SER A 173 23.37 14.29 0.21
CA SER A 173 23.89 15.54 -0.33
C SER A 173 25.15 15.27 -1.17
N GLY A 174 25.30 16.00 -2.27
CA GLY A 174 26.40 15.81 -3.21
C GLY A 174 26.21 14.69 -4.23
N VAL A 175 25.01 14.12 -4.30
CA VAL A 175 24.67 13.10 -5.29
C VAL A 175 23.40 13.53 -6.02
N ASN A 176 23.47 13.56 -7.35
CA ASN A 176 22.32 13.78 -8.22
C ASN A 176 21.95 12.46 -8.88
N ALA A 177 20.67 12.14 -8.88
CA ALA A 177 20.18 10.89 -9.44
C ALA A 177 18.86 11.12 -10.15
N LYS A 178 18.82 10.78 -11.44
CA LYS A 178 17.61 10.87 -12.26
C LYS A 178 17.38 9.57 -13.02
N ILE A 179 16.11 9.28 -13.31
CA ILE A 179 15.71 8.13 -14.10
C ILE A 179 15.31 8.58 -15.53
N GLU A 180 15.76 7.81 -16.52
CA GLU A 180 15.37 8.01 -17.92
C GLU A 180 15.16 6.61 -18.53
N GLY A 181 13.91 6.22 -18.68
CA GLY A 181 13.56 4.87 -19.13
C GLY A 181 13.99 3.81 -18.13
N ASN A 182 14.89 2.92 -18.56
CA ASN A 182 15.48 1.92 -17.67
C ASN A 182 16.92 2.25 -17.24
N LYS A 183 17.31 3.52 -17.37
CA LYS A 183 18.65 3.97 -17.00
C LYS A 183 18.57 4.85 -15.75
N LEU A 184 19.46 4.58 -14.79
CA LEU A 184 19.66 5.45 -13.64
C LEU A 184 20.88 6.31 -13.95
N ILE A 185 20.66 7.63 -14.01
CA ILE A 185 21.68 8.60 -14.41
C ILE A 185 22.20 9.28 -13.14
N VAL A 186 23.49 9.16 -12.88
CA VAL A 186 24.07 9.55 -11.59
C VAL A 186 25.32 10.41 -11.75
N THR A 187 25.42 11.46 -10.95
CA THR A 187 26.68 12.18 -10.77
C THR A 187 26.87 12.49 -9.30
N ALA A 188 28.10 12.30 -8.81
CA ALA A 188 28.46 12.58 -7.42
C ALA A 188 29.64 13.53 -7.37
N ASP A 189 29.60 14.45 -6.41
CA ASP A 189 30.67 15.45 -6.25
C ASP A 189 31.44 15.21 -4.94
N LYS A 190 32.40 16.08 -4.61
CA LYS A 190 33.26 15.92 -3.42
C LYS A 190 32.51 15.95 -2.08
N ASN A 191 31.33 16.57 -2.04
CA ASN A 191 30.50 16.56 -0.83
C ASN A 191 29.82 15.21 -0.58
N ALA A 192 29.76 14.36 -1.59
CA ALA A 192 29.20 13.02 -1.43
C ALA A 192 30.02 12.23 -0.43
N PRO A 193 29.34 11.48 0.47
CA PRO A 193 30.08 10.60 1.35
C PRO A 193 30.74 9.46 0.56
N ASP A 194 31.71 8.78 1.17
CA ASP A 194 32.50 7.78 0.44
C ASP A 194 31.63 6.62 -0.04
N ASN A 195 30.67 6.21 0.80
CA ASN A 195 29.66 5.24 0.41
C ASN A 195 28.30 5.92 0.40
N ALA A 196 27.81 6.25 -0.79
CA ALA A 196 26.58 7.01 -0.97
C ALA A 196 25.48 6.13 -1.55
N THR A 197 24.40 5.95 -0.79
CA THR A 197 23.31 5.05 -1.16
C THR A 197 22.13 5.82 -1.77
N ILE A 198 21.75 5.41 -2.99
CA ILE A 198 20.59 5.93 -3.68
C ILE A 198 19.42 4.96 -3.50
N HIS A 199 18.25 5.48 -3.10
CA HIS A 199 17.04 4.68 -2.92
C HIS A 199 16.01 5.04 -3.96
N LEU A 200 15.50 4.05 -4.67
CA LEU A 200 14.46 4.22 -5.69
C LEU A 200 13.15 3.65 -5.17
N ASP A 201 12.32 4.51 -4.56
CA ASP A 201 11.12 4.08 -3.84
C ASP A 201 9.92 3.83 -4.75
N ARG A 202 9.22 2.74 -4.50
CA ARG A 202 7.92 2.50 -5.13
C ARG A 202 6.78 3.24 -4.41
N ILE A 203 6.92 3.47 -3.11
CA ILE A 203 5.91 4.12 -2.28
C ILE A 203 6.51 5.34 -1.56
N THR A 204 5.86 6.48 -1.69
CA THR A 204 6.31 7.73 -1.09
C THR A 204 5.33 8.35 -0.08
N ILE A 205 4.31 7.58 0.33
CA ILE A 205 3.39 7.97 1.41
C ILE A 205 3.47 6.90 2.49
N VAL A 206 4.67 6.73 3.01
CA VAL A 206 4.96 5.69 3.98
C VAL A 206 4.52 6.16 5.37
N GLY A 207 4.05 5.23 6.19
CA GLY A 207 3.70 5.55 7.58
C GLY A 207 3.49 4.30 8.39
N THR A 208 3.00 4.47 9.61
CA THR A 208 2.74 3.35 10.51
C THR A 208 1.25 2.99 10.43
N PRO A 209 0.93 1.73 10.07
CA PRO A 209 -0.48 1.34 10.00
C PRO A 209 -1.12 1.21 11.38
N LEU A 210 -2.30 1.78 11.52
CA LEU A 210 -3.02 1.80 12.79
C LEU A 210 -4.27 0.94 12.72
N VAL A 211 -4.65 0.39 13.87
CA VAL A 211 -5.95 -0.28 14.04
C VAL A 211 -6.71 0.57 15.04
N TYR A 212 -8.00 0.75 14.77
CA TYR A 212 -8.89 1.57 15.60
C TYR A 212 -9.99 0.69 16.16
N THR A 213 -10.20 0.80 17.47
CA THR A 213 -11.08 -0.08 18.23
C THR A 213 -12.02 0.75 19.08
N SER A 214 -13.31 0.41 19.04
CA SER A 214 -14.32 0.99 19.93
C SER A 214 -15.17 -0.16 20.49
N GLY A 215 -14.88 -0.55 21.74
CA GLY A 215 -15.64 -1.59 22.43
C GLY A 215 -15.51 -2.96 21.78
N ASN A 216 -16.66 -3.58 21.51
CA ASN A 216 -16.72 -4.88 20.80
C ASN A 216 -17.05 -4.72 19.30
N ALA A 217 -17.14 -3.48 18.83
CA ALA A 217 -17.48 -3.19 17.44
C ALA A 217 -16.34 -3.55 16.49
N GLN A 218 -16.64 -3.49 15.19
CA GLN A 218 -15.69 -3.87 14.16
C GLN A 218 -14.45 -2.99 14.22
N LYS A 219 -13.29 -3.63 14.25
CA LYS A 219 -12.02 -2.93 14.19
C LYS A 219 -11.80 -2.39 12.76
N VAL A 220 -11.28 -1.17 12.70
CA VAL A 220 -11.05 -0.47 11.43
C VAL A 220 -9.57 -0.15 11.30
N GLY A 221 -9.06 -0.35 10.09
CA GLY A 221 -7.64 -0.17 9.81
C GLY A 221 -7.39 1.02 8.90
N VAL A 222 -6.48 1.90 9.32
CA VAL A 222 -5.85 2.85 8.42
C VAL A 222 -4.57 2.15 8.04
N LEU A 223 -4.60 1.46 6.91
CA LEU A 223 -3.59 0.47 6.55
C LEU A 223 -2.46 1.12 5.73
N LYS A 224 -1.67 1.92 6.43
CA LYS A 224 -0.55 2.65 5.82
C LYS A 224 0.60 1.70 5.52
N PRO A 225 1.18 1.80 4.32
CA PRO A 225 2.37 0.99 4.03
C PRO A 225 3.57 1.52 4.81
N PHE A 226 4.34 0.62 5.40
CA PHE A 226 5.46 1.00 6.29
C PHE A 226 6.83 0.78 5.66
N ASP A 227 6.85 0.39 4.39
CA ASP A 227 8.09 0.09 3.67
C ASP A 227 8.02 0.80 2.32
N PRO A 228 9.03 1.63 1.99
CA PRO A 228 9.01 2.24 0.64
C PRO A 228 9.27 1.27 -0.52
N LEU A 229 9.68 0.03 -0.24
CA LEU A 229 9.89 -1.00 -1.25
C LEU A 229 10.90 -0.53 -2.31
N ASP A 230 12.04 -0.02 -1.83
CA ASP A 230 13.04 0.59 -2.71
C ASP A 230 14.02 -0.41 -3.27
N SER A 231 14.35 -0.23 -4.55
CA SER A 231 15.60 -0.75 -5.09
C SER A 231 16.65 0.24 -4.66
N TRP A 232 17.81 -0.24 -4.20
CA TRP A 232 18.90 0.65 -3.82
C TRP A 232 20.26 0.20 -4.34
N LEU A 233 21.12 1.20 -4.47
CA LEU A 233 22.43 1.06 -5.06
C LEU A 233 23.38 1.95 -4.28
N THR A 234 24.52 1.39 -3.86
CA THR A 234 25.52 2.15 -3.11
C THR A 234 26.67 2.51 -4.04
N LEU A 235 26.95 3.81 -4.16
CA LEU A 235 28.10 4.28 -4.93
C LEU A 235 29.33 4.37 -4.04
N GLN A 236 30.45 3.84 -4.51
CA GLN A 236 31.74 4.01 -3.85
C GLN A 236 32.41 5.21 -4.53
N VAL A 237 32.38 6.36 -3.87
CA VAL A 237 32.76 7.62 -4.49
C VAL A 237 34.29 7.76 -4.42
N ILE A 238 34.93 7.79 -5.59
CA ILE A 238 36.40 7.85 -5.69
C ILE A 238 36.82 9.31 -5.78
N LYS A 239 37.60 9.76 -4.79
CA LYS A 239 37.96 11.17 -4.64
C LYS A 239 39.15 11.56 -5.50
N ASN A 240 40.25 10.81 -5.35
CA ASN A 240 41.49 11.02 -6.12
C ASN A 240 42.06 12.44 -5.96
ZN ZN B . -29.15 4.89 1.45
ZN ZN C . -29.38 -2.53 4.54
C ACT D . -24.43 -10.82 12.90
O ACT D . -23.47 -10.03 12.94
OXT ACT D . -25.32 -10.84 13.79
CH3 ACT D . -24.52 -11.77 11.75
C ACT E . -22.54 -3.65 8.47
O ACT E . -22.12 -3.05 7.46
OXT ACT E . -22.29 -4.84 8.69
CH3 ACT E . -23.38 -2.88 9.45
#